data_7LJG
#
_entry.id   7LJG
#
_cell.length_a   71.958
_cell.length_b   71.958
_cell.length_c   161.906
_cell.angle_alpha   90.000
_cell.angle_beta   90.000
_cell.angle_gamma   120.000
#
_symmetry.space_group_name_H-M   'P 32 2 1'
#
loop_
_entity.id
_entity.type
_entity.pdbx_description
1 polymer Lectin
2 non-polymer 'MANGANESE (II) ION'
3 water water
#
_entity_poly.entity_id   1
_entity_poly.type   'polypeptide(L)'
_entity_poly.pdbx_seq_one_letter_code
;ADTIVAVELDSYPNTDIGDPNYPHIGIDIKSIRSKSTARWNMQTGKVGTVHISYNSVAKRLSAVVSYSGSSSTTVSYDVD
LNNVLPEWVKVGLSATTGLYKETNTILSWSFTSKLKTNSAADANSLHFSFNKFSQNPKDLILQGDAFTDSDGNLQLTKVS
SSGDPQGNSVGRALFYAPVHIWEKSAVVASFDATFTFLIKSPDREPADGITFFIANTDTSIPSGSGGRLLGLFPDAN
;
_entity_poly.pdbx_strand_id   A,B
#
loop_
_chem_comp.id
_chem_comp.type
_chem_comp.name
_chem_comp.formula
MN non-polymer 'MANGANESE (II) ION' 'Mn 2'
#
# COMPACT_ATOMS: atom_id res chain seq x y z
N ALA A 1 1.98 12.52 -27.47
CA ALA A 1 2.79 13.00 -26.37
C ALA A 1 2.76 11.97 -25.23
N ASP A 2 3.70 12.10 -24.28
CA ASP A 2 3.79 11.15 -23.18
C ASP A 2 2.66 11.38 -22.17
N THR A 3 2.29 10.31 -21.50
CA THR A 3 1.35 10.36 -20.39
C THR A 3 2.12 10.21 -19.08
N ILE A 4 2.03 11.22 -18.22
CA ILE A 4 2.90 11.35 -17.05
C ILE A 4 2.06 11.42 -15.78
N VAL A 5 2.44 10.63 -14.78
CA VAL A 5 2.03 10.82 -13.39
C VAL A 5 3.31 10.91 -12.55
N ALA A 6 3.42 11.94 -11.70
CA ALA A 6 4.68 12.14 -10.99
C ALA A 6 4.47 12.67 -9.57
N VAL A 7 5.49 12.45 -8.74
CA VAL A 7 5.66 13.10 -7.45
C VAL A 7 6.92 13.97 -7.57
N GLU A 8 6.78 15.28 -7.38
CA GLU A 8 7.88 16.21 -7.59
C GLU A 8 8.36 16.80 -6.27
N LEU A 9 9.68 16.97 -6.15
CA LEU A 9 10.30 17.93 -5.23
C LEU A 9 10.84 19.09 -6.08
N ASP A 10 10.40 20.32 -5.78
CA ASP A 10 10.48 21.43 -6.74
C ASP A 10 10.82 22.72 -6.00
N SER A 11 12.01 23.28 -6.23
CA SER A 11 12.38 24.56 -5.63
C SER A 11 12.63 25.68 -6.64
N TYR A 12 12.25 25.51 -7.91
CA TYR A 12 12.31 26.65 -8.83
C TYR A 12 11.28 27.70 -8.44
N PRO A 13 11.56 28.97 -8.69
CA PRO A 13 10.50 29.99 -8.55
C PRO A 13 9.33 29.61 -9.42
N ASN A 14 8.16 29.42 -8.80
CA ASN A 14 6.95 29.05 -9.52
C ASN A 14 6.17 30.33 -9.77
N THR A 15 5.78 30.56 -11.02
CA THR A 15 5.43 31.87 -11.54
C THR A 15 3.94 32.06 -11.76
N ASP A 16 3.19 30.97 -11.90
CA ASP A 16 1.80 31.09 -12.30
C ASP A 16 0.93 31.39 -11.08
N ILE A 17 -0.14 32.14 -11.32
CA ILE A 17 -1.05 32.51 -10.24
C ILE A 17 -1.64 31.24 -9.66
N GLY A 18 -1.54 31.08 -8.34
CA GLY A 18 -2.08 29.94 -7.63
C GLY A 18 -1.08 28.89 -7.26
N ASP A 19 0.18 29.04 -7.65
CA ASP A 19 1.26 28.13 -7.27
C ASP A 19 1.71 28.39 -5.84
N PRO A 20 2.40 27.44 -5.21
CA PRO A 20 3.05 27.73 -3.93
C PRO A 20 4.15 28.76 -4.09
N ASN A 21 4.38 29.55 -3.04
CA ASN A 21 5.45 30.53 -3.00
C ASN A 21 6.71 30.01 -2.28
N TYR A 22 6.83 28.69 -2.12
CA TYR A 22 7.90 28.08 -1.35
C TYR A 22 8.31 26.75 -2.03
N PRO A 23 9.50 26.25 -1.71
CA PRO A 23 9.84 24.89 -2.18
C PRO A 23 8.78 23.90 -1.68
N HIS A 24 8.41 22.95 -2.53
CA HIS A 24 7.23 22.12 -2.26
C HIS A 24 7.41 20.69 -2.76
N ILE A 25 6.66 19.77 -2.13
CA ILE A 25 6.35 18.47 -2.73
C ILE A 25 4.98 18.56 -3.38
N GLY A 26 4.81 17.91 -4.54
CA GLY A 26 3.53 17.97 -5.23
C GLY A 26 3.23 16.68 -5.96
N ILE A 27 1.96 16.53 -6.34
CA ILE A 27 1.46 15.40 -7.12
C ILE A 27 0.99 15.93 -8.47
N ASP A 28 1.56 15.38 -9.55
CA ASP A 28 1.29 15.88 -10.91
C ASP A 28 0.56 14.81 -11.70
N ILE A 29 -0.57 15.18 -12.31
CA ILE A 29 -1.36 14.29 -13.16
C ILE A 29 -1.42 14.93 -14.53
N LYS A 30 -0.52 14.52 -15.43
CA LYS A 30 -0.51 14.93 -16.84
C LYS A 30 -0.24 16.41 -17.04
N SER A 31 0.34 17.09 -16.05
CA SER A 31 0.59 18.52 -16.20
C SER A 31 1.57 18.97 -15.13
N ILE A 32 2.34 20.01 -15.46
CA ILE A 32 3.26 20.59 -14.49
C ILE A 32 2.52 21.29 -13.34
N ARG A 33 1.25 21.68 -13.54
CA ARG A 33 0.52 22.41 -12.50
C ARG A 33 -0.06 21.39 -11.52
N SER A 34 0.60 21.24 -10.36
CA SER A 34 0.33 20.15 -9.43
C SER A 34 -1.13 20.16 -8.96
N LYS A 35 -1.71 18.96 -8.84
CA LYS A 35 -3.06 18.85 -8.30
C LYS A 35 -3.08 19.00 -6.77
N SER A 36 -1.94 18.84 -6.11
CA SER A 36 -1.91 18.95 -4.65
C SER A 36 -0.46 19.18 -4.23
N THR A 37 -0.25 20.10 -3.28
CA THR A 37 1.10 20.48 -2.87
C THR A 37 1.16 20.64 -1.35
N ALA A 38 2.40 20.61 -0.83
CA ALA A 38 2.70 20.93 0.56
C ALA A 38 4.14 21.44 0.64
N ARG A 39 4.44 22.18 1.71
CA ARG A 39 5.75 22.82 1.82
C ARG A 39 6.86 21.79 2.04
N TRP A 40 7.98 21.97 1.31
CA TRP A 40 9.15 21.09 1.38
C TRP A 40 10.27 21.86 2.10
N ASN A 41 10.61 21.44 3.30
CA ASN A 41 11.63 22.16 4.07
C ASN A 41 12.99 21.62 3.67
N MET A 42 13.49 22.16 2.57
CA MET A 42 14.65 21.64 1.87
C MET A 42 15.92 21.80 2.70
N GLN A 43 16.77 20.76 2.70
CA GLN A 43 18.02 20.77 3.47
C GLN A 43 19.17 20.26 2.61
N THR A 44 19.82 21.17 1.89
CA THR A 44 20.98 20.77 1.12
C THR A 44 22.08 20.26 2.04
N GLY A 45 22.83 19.28 1.55
CA GLY A 45 23.87 18.65 2.32
C GLY A 45 23.41 17.49 3.19
N LYS A 46 22.11 17.22 3.28
CA LYS A 46 21.58 16.17 4.14
C LYS A 46 20.77 15.18 3.32
N VAL A 47 20.85 13.91 3.71
CA VAL A 47 20.16 12.85 2.98
C VAL A 47 18.67 12.91 3.29
N GLY A 48 17.84 12.81 2.24
CA GLY A 48 16.40 12.78 2.39
C GLY A 48 15.81 11.51 1.79
N THR A 49 14.53 11.24 2.14
CA THR A 49 13.81 10.08 1.65
C THR A 49 12.41 10.46 1.20
N VAL A 50 11.94 9.87 0.10
CA VAL A 50 10.57 10.00 -0.35
C VAL A 50 9.92 8.61 -0.42
N HIS A 51 8.70 8.48 0.10
CA HIS A 51 7.85 7.29 0.02
C HIS A 51 6.58 7.64 -0.76
N ILE A 52 6.12 6.72 -1.62
CA ILE A 52 4.95 6.92 -2.47
C ILE A 52 4.13 5.64 -2.50
N SER A 53 2.80 5.76 -2.40
CA SER A 53 1.92 4.59 -2.42
CA SER A 53 1.94 4.58 -2.45
C SER A 53 0.62 4.90 -3.14
N TYR A 54 0.01 3.86 -3.72
CA TYR A 54 -1.29 3.93 -4.35
C TYR A 54 -1.90 2.55 -4.39
N ASN A 55 -3.23 2.51 -4.31
CA ASN A 55 -4.01 1.28 -4.35
C ASN A 55 -5.29 1.57 -5.13
N SER A 56 -5.71 0.63 -5.99
CA SER A 56 -6.85 0.88 -6.87
C SER A 56 -8.21 0.83 -6.17
N VAL A 57 -8.31 0.33 -4.95
CA VAL A 57 -9.58 0.39 -4.24
C VAL A 57 -9.72 1.70 -3.48
N ALA A 58 -8.67 2.07 -2.74
CA ALA A 58 -8.69 3.36 -2.05
C ALA A 58 -8.70 4.52 -3.04
N LYS A 59 -7.99 4.38 -4.15
CA LYS A 59 -7.87 5.42 -5.18
C LYS A 59 -7.32 6.72 -4.61
N ARG A 60 -6.24 6.61 -3.83
CA ARG A 60 -5.61 7.76 -3.20
C ARG A 60 -4.11 7.61 -3.34
N LEU A 61 -3.51 8.50 -4.12
CA LEU A 61 -2.06 8.58 -4.30
C LEU A 61 -1.49 9.46 -3.19
N SER A 62 -0.54 8.93 -2.41
CA SER A 62 0.03 9.66 -1.27
CA SER A 62 0.02 9.65 -1.26
C SER A 62 1.54 9.61 -1.32
N ALA A 63 2.17 10.67 -0.80
CA ALA A 63 3.62 10.75 -0.72
C ALA A 63 4.05 11.45 0.55
N VAL A 64 5.27 11.14 1.02
CA VAL A 64 5.86 11.78 2.19
C VAL A 64 7.35 11.99 1.95
N VAL A 65 7.88 13.15 2.35
CA VAL A 65 9.31 13.46 2.30
C VAL A 65 9.78 13.76 3.71
N SER A 66 10.97 13.26 4.06
CA SER A 66 11.51 13.50 5.40
C SER A 66 13.04 13.46 5.39
N TYR A 67 13.63 14.09 6.41
CA TYR A 67 15.06 14.05 6.71
C TYR A 67 15.26 13.52 8.12
N SER A 68 16.41 12.89 8.34
CA SER A 68 16.69 12.29 9.64
C SER A 68 16.61 13.34 10.75
N GLY A 69 15.91 12.99 11.82
CA GLY A 69 15.79 13.89 12.94
C GLY A 69 14.95 15.13 12.69
N SER A 70 14.15 15.15 11.63
CA SER A 70 13.30 16.29 11.33
C SER A 70 11.87 15.80 11.09
N SER A 71 10.93 16.74 11.12
CA SER A 71 9.55 16.40 10.84
C SER A 71 9.35 16.19 9.34
N SER A 72 8.32 15.44 9.00
CA SER A 72 8.07 15.04 7.62
C SER A 72 6.89 15.84 7.04
N THR A 73 6.86 15.91 5.71
CA THR A 73 5.77 16.57 4.99
C THR A 73 5.02 15.54 4.14
N THR A 74 3.69 15.60 4.14
CA THR A 74 2.86 14.67 3.39
C THR A 74 1.98 15.41 2.40
N VAL A 75 1.55 14.66 1.37
CA VAL A 75 0.63 15.15 0.36
C VAL A 75 -0.16 13.96 -0.18
N SER A 76 -1.42 14.20 -0.54
CA SER A 76 -2.34 13.18 -1.01
C SER A 76 -3.23 13.76 -2.09
N TYR A 77 -3.74 12.89 -2.97
CA TYR A 77 -4.68 13.32 -4.01
C TYR A 77 -5.56 12.14 -4.43
N ASP A 78 -6.88 12.35 -4.46
CA ASP A 78 -7.83 11.31 -4.87
C ASP A 78 -7.94 11.24 -6.39
N VAL A 79 -7.73 10.05 -6.96
CA VAL A 79 -7.68 9.87 -8.39
C VAL A 79 -7.75 8.39 -8.76
N ASP A 80 -8.43 8.07 -9.87
CA ASP A 80 -8.46 6.72 -10.43
C ASP A 80 -7.41 6.63 -11.54
N LEU A 81 -6.27 6.00 -11.24
CA LEU A 81 -5.17 6.00 -12.20
C LEU A 81 -5.44 5.17 -13.44
N ASN A 82 -6.34 4.18 -13.37
CA ASN A 82 -6.73 3.46 -14.57
C ASN A 82 -7.35 4.38 -15.62
N ASN A 83 -7.95 5.49 -15.21
CA ASN A 83 -8.51 6.44 -16.15
C ASN A 83 -7.46 7.40 -16.71
N VAL A 84 -6.21 7.28 -16.28
CA VAL A 84 -5.15 8.22 -16.66
C VAL A 84 -3.99 7.48 -17.34
N LEU A 85 -3.60 6.32 -16.80
CA LEU A 85 -2.43 5.64 -17.36
C LEU A 85 -2.83 4.45 -18.21
N PRO A 86 -2.01 4.07 -19.19
CA PRO A 86 -2.21 2.80 -19.88
C PRO A 86 -1.92 1.62 -18.96
N GLU A 87 -2.26 0.42 -19.45
CA GLU A 87 -2.12 -0.80 -18.65
C GLU A 87 -0.66 -1.14 -18.36
N TRP A 88 0.21 -0.92 -19.34
CA TRP A 88 1.65 -1.16 -19.23
C TRP A 88 2.35 0.19 -19.17
N VAL A 89 3.22 0.35 -18.16
CA VAL A 89 3.98 1.58 -17.96
C VAL A 89 5.45 1.23 -17.74
N LYS A 90 6.29 2.27 -17.72
CA LYS A 90 7.62 2.21 -17.14
C LYS A 90 7.69 3.22 -16.00
N VAL A 91 8.52 2.91 -14.99
CA VAL A 91 8.70 3.78 -13.83
C VAL A 91 10.13 4.34 -13.85
N GLY A 92 10.33 5.51 -13.25
CA GLY A 92 11.63 6.17 -13.39
C GLY A 92 11.85 7.28 -12.37
N LEU A 93 13.07 7.83 -12.39
CA LEU A 93 13.41 9.04 -11.63
C LEU A 93 13.97 10.08 -12.59
N SER A 94 13.72 11.37 -12.29
CA SER A 94 14.24 12.46 -13.11
C SER A 94 14.76 13.59 -12.23
N ALA A 95 15.70 14.37 -12.77
CA ALA A 95 16.14 15.60 -12.11
C ALA A 95 16.60 16.63 -13.15
N THR A 96 16.52 17.91 -12.76
CA THR A 96 17.00 19.03 -13.55
C THR A 96 17.69 20.03 -12.63
N THR A 97 18.56 20.86 -13.20
CA THR A 97 19.22 21.92 -12.44
C THR A 97 19.11 23.24 -13.18
N GLY A 98 19.07 24.32 -12.40
CA GLY A 98 19.06 25.66 -12.93
C GLY A 98 20.45 26.23 -13.07
N LEU A 99 20.55 27.54 -12.92
CA LEU A 99 21.83 28.21 -13.04
C LEU A 99 22.60 28.15 -11.73
N TYR A 100 22.67 26.96 -11.14
CA TYR A 100 23.26 26.76 -9.83
C TYR A 100 24.28 25.64 -9.88
N LYS A 101 25.14 25.62 -8.86
CA LYS A 101 26.16 24.58 -8.69
C LYS A 101 25.61 23.57 -7.70
N GLU A 102 25.02 22.50 -8.21
CA GLU A 102 24.40 21.49 -7.38
C GLU A 102 24.46 20.10 -8.00
N THR A 103 24.39 19.06 -7.17
CA THR A 103 24.34 17.67 -7.61
C THR A 103 23.03 17.05 -7.16
N ASN A 104 22.56 16.06 -7.93
CA ASN A 104 21.34 15.31 -7.63
C ASN A 104 21.70 13.83 -7.55
N THR A 105 22.14 13.40 -6.36
CA THR A 105 22.64 12.05 -6.14
C THR A 105 21.54 11.16 -5.57
N ILE A 106 21.29 10.02 -6.20
CA ILE A 106 20.36 9.02 -5.66
C ILE A 106 21.20 7.90 -5.05
N LEU A 107 20.96 7.64 -3.76
CA LEU A 107 21.69 6.61 -3.01
CA LEU A 107 21.69 6.61 -3.01
C LEU A 107 21.00 5.26 -3.03
N SER A 108 19.67 5.23 -3.16
CA SER A 108 18.94 3.96 -3.21
C SER A 108 17.56 4.20 -3.80
N TRP A 109 16.96 3.11 -4.30
CA TRP A 109 15.64 3.16 -4.95
C TRP A 109 15.07 1.75 -4.95
N SER A 110 13.83 1.60 -4.46
CA SER A 110 13.13 0.32 -4.51
C SER A 110 11.68 0.53 -4.94
N PHE A 111 11.04 -0.55 -5.43
CA PHE A 111 9.72 -0.46 -6.06
C PHE A 111 9.00 -1.81 -5.97
N THR A 112 7.70 -1.77 -5.71
CA THR A 112 6.85 -2.97 -5.69
C THR A 112 5.53 -2.69 -6.38
N SER A 113 5.10 -3.60 -7.27
CA SER A 113 3.77 -3.52 -7.87
C SER A 113 3.10 -4.87 -7.77
N LYS A 114 1.80 -4.86 -7.41
CA LYS A 114 1.00 -6.07 -7.33
C LYS A 114 -0.23 -5.93 -8.22
N LEU A 115 -0.64 -7.05 -8.82
CA LEU A 115 -1.81 -7.07 -9.69
C LEU A 115 -2.58 -8.37 -9.46
N LYS A 116 -3.83 -8.26 -9.04
CA LYS A 116 -4.69 -9.41 -8.78
C LYS A 116 -5.82 -9.48 -9.80
N THR A 117 -5.98 -10.65 -10.42
CA THR A 117 -6.96 -10.88 -11.47
C THR A 117 -8.28 -11.43 -10.93
N ALA A 121 -5.99 -17.66 -7.31
CA ALA A 121 -4.58 -17.46 -7.62
C ALA A 121 -3.97 -16.32 -6.80
N ASP A 122 -2.78 -16.54 -6.25
CA ASP A 122 -2.05 -15.45 -5.61
C ASP A 122 -1.74 -14.37 -6.66
N ALA A 123 -1.38 -13.19 -6.20
CA ALA A 123 -1.22 -12.06 -7.11
C ALA A 123 0.00 -12.25 -8.05
N ASN A 124 0.01 -11.48 -9.13
CA ASN A 124 1.22 -11.28 -9.93
C ASN A 124 1.99 -10.10 -9.31
N SER A 125 3.32 -10.15 -9.35
CA SER A 125 4.08 -9.05 -8.76
C SER A 125 5.47 -8.90 -9.35
N LEU A 126 6.07 -7.75 -9.04
CA LEU A 126 7.40 -7.33 -9.42
C LEU A 126 7.95 -6.47 -8.29
N HIS A 127 9.21 -6.70 -7.93
CA HIS A 127 9.88 -5.92 -6.89
C HIS A 127 11.35 -5.77 -7.25
N PHE A 128 11.92 -4.58 -7.00
CA PHE A 128 13.36 -4.39 -7.16
C PHE A 128 13.87 -3.43 -6.10
N SER A 129 15.15 -3.58 -5.75
CA SER A 129 15.82 -2.70 -4.80
C SER A 129 17.25 -2.48 -5.27
N PHE A 130 17.63 -1.22 -5.40
CA PHE A 130 19.03 -0.84 -5.62
C PHE A 130 19.47 -0.07 -4.37
N ASN A 131 20.35 -0.69 -3.57
CA ASN A 131 21.02 0.03 -2.51
C ASN A 131 22.44 0.43 -2.91
N LYS A 132 22.94 -0.13 -4.00
CA LYS A 132 24.17 0.28 -4.67
C LYS A 132 23.93 0.21 -6.18
N PHE A 133 24.45 1.18 -6.92
CA PHE A 133 24.30 1.21 -8.38
C PHE A 133 25.62 0.85 -9.03
N SER A 134 25.60 -0.09 -9.97
CA SER A 134 26.82 -0.53 -10.63
C SER A 134 27.13 0.32 -11.86
N GLN A 135 28.35 0.15 -12.37
CA GLN A 135 28.93 1.08 -13.33
C GLN A 135 28.31 1.00 -14.72
N ASN A 136 27.89 -0.18 -15.15
CA ASN A 136 27.24 -0.37 -16.46
CA ASN A 136 27.23 -0.37 -16.45
C ASN A 136 25.90 -1.04 -16.20
N PRO A 137 24.92 -0.30 -15.71
CA PRO A 137 23.67 -0.93 -15.21
C PRO A 137 22.68 -1.33 -16.29
N LYS A 138 22.78 -2.57 -16.77
CA LYS A 138 21.95 -3.05 -17.88
C LYS A 138 20.46 -3.19 -17.54
N ASP A 139 20.05 -2.99 -16.28
CA ASP A 139 18.63 -3.01 -15.93
C ASP A 139 18.10 -1.61 -15.66
N LEU A 140 18.86 -0.57 -16.03
CA LEU A 140 18.41 0.83 -16.06
C LEU A 140 18.56 1.39 -17.46
N ILE A 141 17.59 2.19 -17.89
CA ILE A 141 17.71 2.99 -19.12
C ILE A 141 18.06 4.40 -18.69
N LEU A 142 19.28 4.82 -18.95
CA LEU A 142 19.72 6.16 -18.57
C LEU A 142 19.52 7.08 -19.76
N GLN A 143 18.90 8.23 -19.50
CA GLN A 143 18.59 9.21 -20.54
C GLN A 143 19.21 10.55 -20.16
N GLY A 144 19.64 11.32 -21.17
CA GLY A 144 20.16 12.64 -20.89
C GLY A 144 21.53 12.56 -20.24
N ASP A 145 21.72 13.33 -19.16
CA ASP A 145 23.00 13.44 -18.47
C ASP A 145 23.22 12.39 -17.37
N ALA A 146 22.26 11.50 -17.12
CA ALA A 146 22.35 10.60 -15.96
C ALA A 146 23.44 9.54 -16.14
N PHE A 147 24.04 9.14 -15.03
CA PHE A 147 25.14 8.16 -15.02
C PHE A 147 25.41 7.68 -13.60
N THR A 148 26.09 6.53 -13.49
CA THR A 148 26.52 5.97 -12.21
CA THR A 148 26.53 5.97 -12.22
C THR A 148 28.03 6.16 -12.06
N ASP A 149 28.45 6.65 -10.88
CA ASP A 149 29.86 6.92 -10.62
C ASP A 149 30.54 5.70 -10.01
N SER A 150 31.80 5.85 -9.57
CA SER A 150 32.52 4.71 -9.04
C SER A 150 32.22 4.44 -7.56
N ASP A 151 31.63 5.39 -6.84
CA ASP A 151 31.18 5.15 -5.46
C ASP A 151 29.86 4.37 -5.38
N GLY A 152 29.32 3.92 -6.50
CA GLY A 152 28.05 3.21 -6.48
C GLY A 152 26.80 4.09 -6.36
N ASN A 153 26.87 5.35 -6.77
CA ASN A 153 25.76 6.29 -6.69
C ASN A 153 25.19 6.58 -8.07
N LEU A 154 23.90 6.91 -8.12
CA LEU A 154 23.26 7.32 -9.36
C LEU A 154 23.23 8.85 -9.40
N GLN A 155 24.01 9.43 -10.31
CA GLN A 155 24.04 10.87 -10.53
C GLN A 155 23.07 11.22 -11.66
N LEU A 156 21.99 11.93 -11.34
CA LEU A 156 20.96 12.23 -12.34
C LEU A 156 21.32 13.40 -13.25
N THR A 157 22.07 14.39 -12.75
CA THR A 157 22.50 15.53 -13.54
C THR A 157 24.04 15.65 -13.48
N LYS A 158 24.58 16.55 -14.31
CA LYS A 158 26.02 16.66 -14.52
C LYS A 158 26.78 16.97 -13.22
N VAL A 159 27.96 16.36 -13.06
CA VAL A 159 28.86 16.72 -11.96
C VAL A 159 30.14 17.31 -12.53
N SER A 160 30.60 18.38 -11.89
CA SER A 160 31.75 19.16 -12.34
C SER A 160 33.02 18.34 -12.50
N GLY A 167 25.85 23.18 -15.13
CA GLY A 167 24.69 24.06 -15.22
C GLY A 167 23.67 23.62 -16.26
N ASN A 168 22.39 23.80 -15.93
CA ASN A 168 21.27 23.52 -16.84
C ASN A 168 21.33 22.07 -17.36
N SER A 169 21.19 21.14 -16.42
CA SER A 169 21.30 19.73 -16.77
C SER A 169 19.94 19.06 -16.65
N VAL A 170 19.80 17.93 -17.35
CA VAL A 170 18.59 17.11 -17.25
C VAL A 170 18.98 15.65 -17.47
N GLY A 171 18.43 14.76 -16.63
CA GLY A 171 18.72 13.34 -16.73
C GLY A 171 17.64 12.51 -16.09
N ARG A 172 17.47 11.28 -16.61
CA ARG A 172 16.46 10.36 -16.10
C ARG A 172 17.01 8.94 -16.08
N ALA A 173 16.44 8.09 -15.21
CA ALA A 173 16.75 6.66 -15.12
C ALA A 173 15.45 5.88 -15.04
N LEU A 174 15.22 4.98 -16.00
CA LEU A 174 14.02 4.13 -16.03
C LEU A 174 14.38 2.68 -15.71
N PHE A 175 13.53 2.01 -14.92
CA PHE A 175 13.67 0.57 -14.78
C PHE A 175 13.38 -0.11 -16.12
N TYR A 176 14.19 -1.10 -16.47
CA TYR A 176 14.13 -1.66 -17.82
C TYR A 176 12.82 -2.40 -18.08
N ALA A 177 12.29 -3.12 -17.07
CA ALA A 177 11.15 -3.90 -17.57
C ALA A 177 9.84 -3.14 -17.39
N PRO A 178 8.93 -3.27 -18.37
CA PRO A 178 7.56 -2.74 -18.20
C PRO A 178 6.85 -3.32 -17.00
N VAL A 179 5.93 -2.53 -16.46
CA VAL A 179 5.16 -2.83 -15.26
C VAL A 179 3.70 -2.95 -15.67
N HIS A 180 3.02 -3.97 -15.19
CA HIS A 180 1.60 -4.22 -15.50
C HIS A 180 0.77 -3.69 -14.33
N ILE A 181 0.10 -2.55 -14.54
CA ILE A 181 -0.61 -1.88 -13.45
C ILE A 181 -2.12 -2.04 -13.51
N TRP A 182 -2.68 -2.53 -14.62
CA TRP A 182 -4.10 -2.85 -14.65
C TRP A 182 -4.36 -3.80 -15.81
N GLU A 183 -5.45 -4.56 -15.69
CA GLU A 183 -6.00 -5.35 -16.79
C GLU A 183 -7.51 -5.43 -16.60
N LYS A 184 -8.22 -5.82 -17.66
CA LYS A 184 -9.68 -5.75 -17.63
C LYS A 184 -10.29 -6.69 -16.60
N SER A 185 -9.66 -7.83 -16.33
CA SER A 185 -10.21 -8.76 -15.34
C SER A 185 -9.49 -8.63 -13.99
N ALA A 186 -9.31 -7.40 -13.51
CA ALA A 186 -8.53 -7.14 -12.31
C ALA A 186 -9.43 -6.89 -11.11
N VAL A 187 -9.01 -7.39 -9.96
CA VAL A 187 -9.72 -7.13 -8.71
C VAL A 187 -9.13 -5.91 -8.01
N VAL A 188 -7.80 -5.84 -7.91
CA VAL A 188 -7.11 -4.73 -7.29
C VAL A 188 -5.67 -4.73 -7.80
N ALA A 189 -5.07 -3.55 -7.82
CA ALA A 189 -3.68 -3.32 -8.18
C ALA A 189 -3.11 -2.28 -7.21
N SER A 190 -1.81 -2.32 -7.01
CA SER A 190 -1.18 -1.36 -6.09
C SER A 190 0.31 -1.30 -6.37
N PHE A 191 0.93 -0.18 -5.96
CA PHE A 191 2.36 -0.03 -6.04
C PHE A 191 2.86 0.80 -4.89
N ASP A 192 4.15 0.60 -4.58
CA ASP A 192 4.88 1.32 -3.56
C ASP A 192 6.23 1.68 -4.16
N ALA A 193 6.76 2.85 -3.82
CA ALA A 193 8.13 3.18 -4.19
C ALA A 193 8.77 4.03 -3.10
N THR A 194 10.09 3.94 -3.03
CA THR A 194 10.93 4.72 -2.12
C THR A 194 12.26 5.01 -2.83
N PHE A 195 12.82 6.17 -2.53
CA PHE A 195 14.19 6.48 -2.91
C PHE A 195 14.77 7.43 -1.87
N THR A 196 16.09 7.43 -1.76
CA THR A 196 16.81 8.39 -0.95
C THR A 196 17.71 9.27 -1.83
N PHE A 197 17.89 10.52 -1.43
CA PHE A 197 18.52 11.52 -2.29
C PHE A 197 19.45 12.40 -1.46
N LEU A 198 20.49 12.91 -2.12
CA LEU A 198 21.41 13.87 -1.52
C LEU A 198 21.63 15.01 -2.51
N ILE A 199 21.19 16.21 -2.15
CA ILE A 199 21.42 17.43 -2.94
C ILE A 199 22.58 18.18 -2.28
N LYS A 200 23.74 18.18 -2.94
CA LYS A 200 24.91 18.92 -2.47
C LYS A 200 24.99 20.28 -3.19
N SER A 201 25.29 21.34 -2.41
CA SER A 201 25.45 22.67 -2.97
C SER A 201 26.09 23.68 -2.02
N PRO A 202 26.92 24.60 -2.53
CA PRO A 202 27.37 25.72 -1.69
C PRO A 202 26.25 26.67 -1.30
N ASP A 203 25.15 26.67 -2.02
CA ASP A 203 23.97 27.48 -1.70
C ASP A 203 23.04 26.72 -0.76
N ARG A 204 22.23 27.48 -0.01
CA ARG A 204 21.31 26.85 0.93
C ARG A 204 19.97 26.48 0.28
N GLU A 205 19.43 27.31 -0.61
CA GLU A 205 18.15 27.04 -1.25
C GLU A 205 18.25 27.15 -2.78
N PRO A 206 19.08 26.33 -3.41
CA PRO A 206 19.19 26.41 -4.87
C PRO A 206 17.93 25.94 -5.57
N ALA A 207 17.69 26.49 -6.76
CA ALA A 207 16.58 26.07 -7.60
C ALA A 207 16.91 24.75 -8.25
N ASP A 208 16.12 23.72 -7.92
CA ASP A 208 16.41 22.32 -8.28
C ASP A 208 15.11 21.55 -8.41
N GLY A 209 15.19 20.41 -9.07
CA GLY A 209 14.06 19.51 -9.20
C GLY A 209 14.44 18.03 -9.23
N ILE A 210 13.65 17.19 -8.53
CA ILE A 210 13.79 15.73 -8.53
C ILE A 210 12.39 15.13 -8.54
N THR A 211 12.20 14.04 -9.28
CA THR A 211 10.88 13.37 -9.35
C THR A 211 11.05 11.86 -9.35
N PHE A 212 10.00 11.16 -8.90
CA PHE A 212 9.64 9.80 -9.29
C PHE A 212 8.45 9.87 -10.25
N PHE A 213 8.48 9.10 -11.34
CA PHE A 213 7.37 9.21 -12.29
C PHE A 213 7.01 7.87 -12.92
N ILE A 214 5.81 7.86 -13.52
CA ILE A 214 5.21 6.71 -14.20
C ILE A 214 4.76 7.19 -15.58
N ALA A 215 5.12 6.44 -16.63
CA ALA A 215 4.88 6.90 -18.00
C ALA A 215 4.55 5.74 -18.91
N ASN A 216 4.01 6.06 -20.09
CA ASN A 216 3.96 5.13 -21.21
C ASN A 216 5.33 4.52 -21.43
N THR A 217 5.36 3.26 -21.88
CA THR A 217 6.64 2.55 -21.93
C THR A 217 7.62 3.14 -22.93
N ASP A 218 7.17 3.94 -23.92
CA ASP A 218 8.07 4.51 -24.93
C ASP A 218 8.56 5.92 -24.57
N THR A 219 8.54 6.29 -23.29
CA THR A 219 8.80 7.67 -22.88
C THR A 219 10.27 8.06 -23.10
N SER A 220 10.48 9.34 -23.41
CA SER A 220 11.81 9.92 -23.55
C SER A 220 11.74 11.39 -23.15
N ILE A 221 12.90 12.03 -23.02
CA ILE A 221 13.00 13.41 -22.53
C ILE A 221 12.39 14.38 -23.55
N PRO A 222 11.28 15.07 -23.23
CA PRO A 222 10.69 15.97 -24.23
C PRO A 222 11.58 17.18 -24.50
N SER A 223 11.56 17.61 -25.76
CA SER A 223 12.26 18.81 -26.18
C SER A 223 11.82 20.03 -25.35
N GLY A 224 12.80 20.78 -24.84
CA GLY A 224 12.52 21.97 -24.06
C GLY A 224 11.99 21.74 -22.66
N SER A 225 12.23 20.56 -22.08
CA SER A 225 11.69 20.21 -20.78
C SER A 225 12.65 20.48 -19.61
N GLY A 226 13.69 21.29 -19.80
CA GLY A 226 14.63 21.55 -18.71
C GLY A 226 14.05 22.45 -17.62
N GLY A 227 14.85 22.65 -16.59
CA GLY A 227 14.48 23.57 -15.52
C GLY A 227 13.19 23.13 -14.84
N ARG A 228 12.21 24.06 -14.77
CA ARG A 228 10.97 23.86 -14.02
C ARG A 228 10.06 22.79 -14.61
N LEU A 229 10.30 22.34 -15.83
CA LEU A 229 9.46 21.28 -16.40
C LEU A 229 9.97 19.89 -16.06
N LEU A 230 11.11 19.80 -15.34
CA LEU A 230 11.58 18.60 -14.62
C LEU A 230 11.98 17.44 -15.53
N GLY A 231 12.22 17.70 -16.81
CA GLY A 231 12.49 16.60 -17.72
C GLY A 231 11.29 15.75 -18.06
N LEU A 232 10.09 16.18 -17.68
CA LEU A 232 8.85 15.43 -17.88
C LEU A 232 7.91 16.04 -18.91
N PHE A 233 7.76 17.37 -18.97
CA PHE A 233 6.74 17.97 -19.82
C PHE A 233 7.35 18.92 -20.85
N PRO A 234 6.77 19.01 -22.05
CA PRO A 234 7.29 19.94 -23.06
C PRO A 234 6.84 21.38 -22.87
N ASP A 235 5.85 21.65 -22.01
CA ASP A 235 5.34 23.01 -21.82
C ASP A 235 4.50 23.04 -20.55
N ALA A 236 4.18 24.26 -20.10
CA ALA A 236 3.57 24.48 -18.79
C ALA A 236 2.04 24.50 -18.83
N ASN A 237 1.43 24.10 -19.93
CA ASN A 237 -0.03 24.12 -20.04
C ASN A 237 -0.58 22.71 -19.98
N ALA B 1 -11.55 -2.09 27.29
CA ALA B 1 -11.54 -3.54 27.39
C ALA B 1 -10.81 -4.18 26.20
N ASP B 2 -11.41 -4.11 25.02
CA ASP B 2 -10.81 -4.67 23.81
C ASP B 2 -10.95 -3.65 22.68
N THR B 3 -9.82 -3.29 22.07
CA THR B 3 -9.82 -2.40 20.91
C THR B 3 -9.76 -3.27 19.66
N ILE B 4 -10.84 -3.26 18.88
CA ILE B 4 -11.03 -4.12 17.73
C ILE B 4 -11.17 -3.26 16.49
N VAL B 5 -10.47 -3.63 15.41
CA VAL B 5 -10.73 -3.16 14.07
C VAL B 5 -10.89 -4.40 13.19
N ALA B 6 -11.97 -4.44 12.41
CA ALA B 6 -12.23 -5.66 11.65
C ALA B 6 -12.90 -5.35 10.32
N VAL B 7 -12.64 -6.24 9.36
CA VAL B 7 -13.39 -6.31 8.11
C VAL B 7 -14.25 -7.55 8.19
N GLU B 8 -15.58 -7.37 8.11
CA GLU B 8 -16.54 -8.44 8.33
C GLU B 8 -17.23 -8.84 7.03
N LEU B 9 -17.49 -10.14 6.89
CA LEU B 9 -18.42 -10.68 5.90
C LEU B 9 -19.60 -11.21 6.70
N ASP B 10 -20.75 -10.57 6.54
CA ASP B 10 -21.84 -10.62 7.50
C ASP B 10 -23.12 -10.98 6.77
N SER B 11 -23.58 -12.20 6.95
CA SER B 11 -24.81 -12.68 6.34
C SER B 11 -25.99 -12.91 7.26
N TYR B 12 -25.91 -12.43 8.49
CA TYR B 12 -27.03 -12.55 9.41
C TYR B 12 -28.16 -11.60 9.00
N PRO B 13 -29.40 -11.92 9.35
CA PRO B 13 -30.52 -11.03 8.98
C PRO B 13 -30.42 -9.64 9.60
N ASN B 21 -29.97 -5.67 5.29
CA ASN B 21 -31.13 -6.41 4.82
C ASN B 21 -30.70 -7.55 3.91
N TYR B 22 -29.39 -7.66 3.73
CA TYR B 22 -28.78 -8.51 2.73
C TYR B 22 -27.37 -8.83 3.16
N PRO B 23 -26.80 -9.96 2.72
CA PRO B 23 -25.42 -10.26 3.06
C PRO B 23 -24.49 -9.14 2.61
N HIS B 24 -23.56 -8.75 3.48
CA HIS B 24 -22.77 -7.54 3.27
C HIS B 24 -21.34 -7.70 3.76
N ILE B 25 -20.47 -6.84 3.25
CA ILE B 25 -19.11 -6.67 3.74
C ILE B 25 -19.05 -5.31 4.44
N GLY B 26 -18.40 -5.26 5.61
CA GLY B 26 -18.36 -4.05 6.39
C GLY B 26 -17.01 -3.80 7.03
N ILE B 27 -16.81 -2.55 7.44
CA ILE B 27 -15.65 -2.11 8.21
C ILE B 27 -16.14 -1.72 9.60
N ASP B 28 -15.61 -2.39 10.61
CA ASP B 28 -16.01 -2.20 12.00
C ASP B 28 -14.86 -1.55 12.75
N ILE B 29 -15.12 -0.39 13.36
CA ILE B 29 -14.16 0.31 14.19
C ILE B 29 -14.73 0.34 15.61
N LYS B 30 -14.27 -0.59 16.47
CA LYS B 30 -14.62 -0.70 17.88
C LYS B 30 -16.08 -1.02 18.14
N SER B 31 -16.86 -1.34 17.11
CA SER B 31 -18.27 -1.64 17.32
C SER B 31 -18.72 -2.58 16.22
N ILE B 32 -19.67 -3.46 16.56
CA ILE B 32 -20.32 -4.31 15.57
C ILE B 32 -21.14 -3.48 14.60
N ARG B 33 -21.45 -2.23 14.95
CA ARG B 33 -22.27 -1.36 14.12
C ARG B 33 -21.36 -0.73 13.08
N SER B 34 -21.26 -1.38 11.93
CA SER B 34 -20.27 -1.04 10.91
C SER B 34 -20.33 0.44 10.54
N LYS B 35 -19.14 1.03 10.36
CA LYS B 35 -18.99 2.39 9.86
C LYS B 35 -19.24 2.49 8.36
N SER B 36 -19.05 1.41 7.62
CA SER B 36 -19.24 1.44 6.17
C SER B 36 -19.53 0.03 5.69
N THR B 37 -20.49 -0.10 4.78
CA THR B 37 -20.93 -1.41 4.31
C THR B 37 -21.16 -1.37 2.79
N ALA B 38 -21.21 -2.56 2.20
CA ALA B 38 -21.58 -2.71 0.80
C ALA B 38 -22.14 -4.12 0.63
N ARG B 39 -22.88 -4.33 -0.46
CA ARG B 39 -23.60 -5.58 -0.68
C ARG B 39 -22.63 -6.70 -1.03
N TRP B 40 -22.59 -7.75 -0.20
CA TRP B 40 -21.79 -8.94 -0.48
C TRP B 40 -22.65 -9.94 -1.25
N ASN B 41 -22.23 -10.26 -2.48
CA ASN B 41 -22.94 -11.22 -3.33
C ASN B 41 -22.48 -12.63 -2.97
N MET B 42 -23.16 -13.24 -2.01
CA MET B 42 -22.70 -14.49 -1.43
C MET B 42 -22.94 -15.66 -2.39
N GLN B 43 -21.94 -16.54 -2.48
CA GLN B 43 -22.00 -17.74 -3.32
C GLN B 43 -21.50 -18.91 -2.48
N THR B 44 -22.42 -19.63 -1.85
CA THR B 44 -22.10 -20.83 -1.11
C THR B 44 -21.44 -21.87 -2.02
N GLY B 45 -20.50 -22.63 -1.45
CA GLY B 45 -19.89 -23.73 -2.16
C GLY B 45 -18.81 -23.34 -3.14
N LYS B 46 -18.42 -22.07 -3.19
CA LYS B 46 -17.37 -21.60 -4.08
C LYS B 46 -16.32 -20.85 -3.27
N VAL B 47 -15.11 -20.83 -3.82
CA VAL B 47 -13.94 -20.26 -3.14
C VAL B 47 -13.89 -18.75 -3.38
N GLY B 48 -13.73 -17.97 -2.31
CA GLY B 48 -13.64 -16.53 -2.41
C GLY B 48 -12.37 -15.99 -1.78
N THR B 49 -12.09 -14.71 -2.09
CA THR B 49 -10.90 -14.01 -1.65
C THR B 49 -11.26 -12.67 -1.06
N VAL B 50 -10.59 -12.29 0.02
CA VAL B 50 -10.70 -10.93 0.58
C VAL B 50 -9.31 -10.32 0.62
N HIS B 51 -9.19 -9.09 0.12
CA HIS B 51 -8.01 -8.24 0.24
C HIS B 51 -8.31 -7.06 1.15
N ILE B 52 -7.39 -6.74 2.07
CA ILE B 52 -7.52 -5.60 2.98
C ILE B 52 -6.22 -4.81 2.95
N SER B 53 -6.32 -3.47 2.96
CA SER B 53 -5.13 -2.61 2.89
CA SER B 53 -5.13 -2.61 2.88
C SER B 53 -5.36 -1.32 3.66
N TYR B 54 -4.26 -0.80 4.23
CA TYR B 54 -4.28 0.47 4.96
C TYR B 54 -2.90 1.09 4.90
N ASN B 55 -2.87 2.42 4.91
CA ASN B 55 -1.65 3.21 4.85
C ASN B 55 -1.82 4.46 5.72
N SER B 56 -0.83 4.76 6.57
CA SER B 56 -0.97 5.83 7.55
C SER B 56 -0.90 7.25 6.95
N VAL B 57 -0.40 7.43 5.72
CA VAL B 57 -0.51 8.74 5.09
C VAL B 57 -1.87 8.90 4.41
N ALA B 58 -2.34 7.86 3.72
CA ALA B 58 -3.65 7.93 3.09
C ALA B 58 -4.78 7.94 4.12
N LYS B 59 -4.57 7.30 5.28
CA LYS B 59 -5.59 7.19 6.32
C LYS B 59 -6.92 6.67 5.76
N ARG B 60 -6.84 5.60 4.96
CA ARG B 60 -8.03 5.02 4.34
C ARG B 60 -7.94 3.50 4.39
N LEU B 61 -8.85 2.88 5.15
CA LEU B 61 -8.95 1.43 5.24
C LEU B 61 -9.90 0.92 4.16
N SER B 62 -9.44 0.00 3.31
CA SER B 62 -10.26 -0.52 2.22
CA SER B 62 -10.20 -0.51 2.18
C SER B 62 -10.14 -2.04 2.12
N ALA B 63 -11.17 -2.65 1.53
CA ALA B 63 -11.27 -4.09 1.38
C ALA B 63 -12.09 -4.42 0.13
N VAL B 64 -11.81 -5.58 -0.49
CA VAL B 64 -12.59 -6.09 -1.61
C VAL B 64 -12.80 -7.60 -1.46
N VAL B 65 -13.99 -8.08 -1.85
CA VAL B 65 -14.31 -9.50 -1.89
C VAL B 65 -14.72 -9.86 -3.31
N SER B 66 -14.26 -11.03 -3.79
CA SER B 66 -14.55 -11.45 -5.15
C SER B 66 -14.52 -12.96 -5.27
N TYR B 67 -15.13 -13.46 -6.34
CA TYR B 67 -15.14 -14.88 -6.68
C TYR B 67 -14.70 -15.04 -8.12
N SER B 68 -14.19 -16.24 -8.45
CA SER B 68 -13.72 -16.53 -9.79
C SER B 68 -14.83 -16.33 -10.81
N GLY B 69 -14.59 -15.45 -11.78
CA GLY B 69 -15.52 -15.21 -12.85
C GLY B 69 -16.73 -14.36 -12.50
N SER B 70 -16.80 -13.83 -11.29
CA SER B 70 -17.94 -13.02 -10.89
C SER B 70 -17.47 -11.63 -10.49
N SER B 71 -18.42 -10.70 -10.41
CA SER B 71 -18.10 -9.34 -10.01
C SER B 71 -17.68 -9.31 -8.55
N SER B 72 -17.05 -8.20 -8.17
CA SER B 72 -16.51 -8.04 -6.84
C SER B 72 -17.17 -6.87 -6.14
N THR B 73 -17.01 -6.82 -4.83
CA THR B 73 -17.56 -5.77 -3.99
C THR B 73 -16.46 -5.11 -3.19
N THR B 74 -16.49 -3.78 -3.11
CA THR B 74 -15.49 -3.00 -2.39
C THR B 74 -16.13 -2.12 -1.32
N VAL B 75 -15.30 -1.70 -0.36
CA VAL B 75 -15.75 -0.87 0.75
C VAL B 75 -14.52 -0.16 1.30
N SER B 76 -14.71 1.09 1.73
CA SER B 76 -13.62 1.90 2.28
C SER B 76 -14.14 2.76 3.43
N TYR B 77 -13.22 3.16 4.32
CA TYR B 77 -13.58 4.10 5.37
C TYR B 77 -12.39 4.96 5.73
N ASP B 78 -12.62 6.26 5.87
CA ASP B 78 -11.58 7.20 6.25
C ASP B 78 -11.43 7.19 7.77
N VAL B 79 -10.28 6.71 8.26
CA VAL B 79 -9.98 6.61 9.68
C VAL B 79 -8.47 6.67 9.85
N ASP B 80 -8.01 7.38 10.87
CA ASP B 80 -6.64 7.35 11.34
C ASP B 80 -6.56 6.28 12.43
N LEU B 81 -5.84 5.19 12.16
CA LEU B 81 -5.82 4.06 13.06
C LEU B 81 -4.96 4.26 14.29
N ASN B 82 -4.01 5.20 14.28
CA ASN B 82 -3.25 5.43 15.50
C ASN B 82 -4.07 6.14 16.57
N ASN B 83 -5.31 6.52 16.27
CA ASN B 83 -6.24 7.02 17.27
C ASN B 83 -7.14 5.91 17.83
N VAL B 84 -7.00 4.68 17.35
CA VAL B 84 -7.95 3.61 17.67
C VAL B 84 -7.26 2.40 18.27
N LEU B 85 -6.10 2.03 17.74
CA LEU B 85 -5.35 0.85 18.16
C LEU B 85 -4.08 1.24 18.90
N PRO B 86 -3.59 0.39 19.80
CA PRO B 86 -2.29 0.62 20.43
C PRO B 86 -1.14 0.37 19.45
N GLU B 87 0.07 0.71 19.91
CA GLU B 87 1.28 0.54 19.07
C GLU B 87 1.50 -0.92 18.69
N TRP B 88 1.22 -1.85 19.59
CA TRP B 88 1.42 -3.28 19.33
C TRP B 88 0.08 -3.99 19.30
N VAL B 89 -0.10 -4.88 18.30
CA VAL B 89 -1.35 -5.61 18.13
C VAL B 89 -1.06 -7.07 17.76
N LYS B 90 -2.09 -7.90 17.83
CA LYS B 90 -2.12 -9.19 17.14
C LYS B 90 -3.17 -9.16 16.04
N VAL B 91 -2.94 -9.95 14.98
CA VAL B 91 -3.86 -10.03 13.85
C VAL B 91 -4.41 -11.45 13.80
N GLY B 92 -5.64 -11.58 13.30
CA GLY B 92 -6.25 -12.89 13.31
C GLY B 92 -7.48 -12.94 12.42
N LEU B 93 -8.08 -14.15 12.37
CA LEU B 93 -9.33 -14.44 11.68
C LEU B 93 -10.35 -15.04 12.66
N SER B 94 -11.63 -14.74 12.43
CA SER B 94 -12.71 -15.30 13.24
C SER B 94 -13.88 -15.72 12.35
N ALA B 95 -14.77 -16.52 12.92
CA ALA B 95 -16.00 -16.94 12.26
C ALA B 95 -16.98 -17.50 13.29
N THR B 96 -18.27 -17.42 12.95
CA THR B 96 -19.34 -17.95 13.79
C THR B 96 -20.39 -18.60 12.91
N THR B 97 -21.17 -19.50 13.50
CA THR B 97 -22.32 -20.11 12.85
C THR B 97 -23.53 -20.02 13.77
N GLY B 98 -24.72 -20.16 13.17
CA GLY B 98 -25.96 -20.08 13.93
C GLY B 98 -27.14 -20.86 13.37
N LEU B 99 -27.31 -22.10 13.83
CA LEU B 99 -28.48 -22.92 13.52
C LEU B 99 -28.60 -23.20 12.02
N TYR B 100 -27.49 -23.62 11.42
CA TYR B 100 -27.46 -24.01 10.02
C TYR B 100 -26.20 -24.84 9.77
N LYS B 101 -26.31 -25.85 8.92
CA LYS B 101 -25.15 -26.66 8.54
C LYS B 101 -24.27 -25.87 7.59
N GLU B 102 -23.08 -25.48 8.05
CA GLU B 102 -22.16 -24.70 7.24
C GLU B 102 -20.75 -24.86 7.76
N THR B 103 -19.79 -24.59 6.88
CA THR B 103 -18.38 -24.69 7.19
C THR B 103 -17.71 -23.35 6.91
N ASN B 104 -16.69 -23.03 7.70
CA ASN B 104 -15.91 -21.80 7.54
C ASN B 104 -14.44 -22.16 7.33
N THR B 105 -14.12 -22.65 6.13
CA THR B 105 -12.80 -23.20 5.82
C THR B 105 -11.86 -22.14 5.26
N ILE B 106 -10.70 -21.99 5.90
CA ILE B 106 -9.66 -21.09 5.42
C ILE B 106 -8.62 -21.92 4.65
N LEU B 107 -8.48 -21.63 3.34
CA LEU B 107 -7.50 -22.31 2.50
CA LEU B 107 -7.49 -22.33 2.54
C LEU B 107 -6.12 -21.65 2.54
N SER B 108 -6.05 -20.34 2.73
CA SER B 108 -4.78 -19.62 2.74
C SER B 108 -4.95 -18.27 3.44
N TRP B 109 -3.84 -17.73 3.93
CA TRP B 109 -3.81 -16.45 4.65
C TRP B 109 -2.39 -15.89 4.59
N SER B 110 -2.26 -14.62 4.22
CA SER B 110 -0.96 -13.97 4.18
CA SER B 110 -0.97 -13.97 4.15
C SER B 110 -1.09 -12.56 4.74
N PHE B 111 0.05 -12.00 5.15
CA PHE B 111 0.01 -10.69 5.80
C PHE B 111 1.38 -10.02 5.70
N THR B 112 1.36 -8.69 5.55
CA THR B 112 2.55 -7.84 5.48
C THR B 112 2.31 -6.56 6.28
N SER B 113 3.32 -6.14 7.05
CA SER B 113 3.29 -4.86 7.73
C SER B 113 4.67 -4.20 7.61
N LYS B 114 4.66 -2.89 7.32
CA LYS B 114 5.89 -2.11 7.30
C LYS B 114 5.77 -0.90 8.23
N LEU B 115 6.90 -0.48 8.79
CA LEU B 115 6.96 0.65 9.71
C LEU B 115 8.29 1.37 9.49
N LYS B 116 8.23 2.63 9.04
CA LYS B 116 9.42 3.39 8.72
C LYS B 116 9.58 4.60 9.64
N THR B 117 10.81 4.80 10.12
CA THR B 117 11.20 6.03 10.81
C THR B 117 12.28 6.77 10.02
N ASN B 118 13.10 7.54 10.72
CA ASN B 118 14.22 8.23 10.09
C ASN B 118 15.27 7.18 9.60
N ALA B 121 17.63 4.93 7.64
CA ALA B 121 17.61 3.47 7.57
C ALA B 121 16.32 2.94 6.95
N ASP B 122 16.41 1.77 6.32
CA ASP B 122 15.25 1.17 5.67
C ASP B 122 14.18 0.79 6.69
N ALA B 123 13.02 0.34 6.20
CA ALA B 123 11.90 0.08 7.09
C ALA B 123 12.04 -1.27 7.81
N ASN B 124 11.42 -1.36 8.99
CA ASN B 124 11.16 -2.63 9.63
C ASN B 124 9.97 -3.30 8.94
N SER B 125 9.89 -4.63 9.04
CA SER B 125 8.78 -5.33 8.41
C SER B 125 8.62 -6.74 8.96
N LEU B 126 7.41 -7.26 8.75
CA LEU B 126 6.97 -8.61 9.07
C LEU B 126 6.12 -9.12 7.93
N HIS B 127 6.42 -10.31 7.44
CA HIS B 127 5.60 -10.95 6.42
C HIS B 127 5.41 -12.42 6.78
N PHE B 128 4.17 -12.90 6.66
CA PHE B 128 3.94 -14.34 6.72
C PHE B 128 2.94 -14.72 5.64
N SER B 129 2.97 -16.00 5.28
CA SER B 129 2.15 -16.50 4.17
C SER B 129 1.84 -17.98 4.45
N PHE B 130 0.58 -18.31 4.67
CA PHE B 130 0.14 -19.67 4.94
C PHE B 130 -0.68 -20.15 3.74
N ASN B 131 -0.11 -21.02 2.92
CA ASN B 131 -0.88 -21.66 1.86
C ASN B 131 -1.24 -23.11 2.21
N LYS B 132 -0.71 -23.62 3.31
CA LYS B 132 -1.13 -24.89 3.91
C LYS B 132 -0.94 -24.80 5.42
N PHE B 133 -1.84 -25.42 6.17
CA PHE B 133 -1.81 -25.37 7.62
C PHE B 133 -1.40 -26.73 8.19
N SER B 134 -0.40 -26.73 9.07
CA SER B 134 0.08 -27.97 9.65
C SER B 134 -0.76 -28.37 10.86
N GLN B 135 -0.53 -29.61 11.31
CA GLN B 135 -1.44 -30.28 12.24
C GLN B 135 -1.43 -29.66 13.64
N ASN B 136 -0.29 -29.18 14.13
CA ASN B 136 -0.19 -28.58 15.45
CA ASN B 136 -0.19 -28.58 15.45
C ASN B 136 0.60 -27.28 15.35
N PRO B 137 0.00 -26.25 14.73
CA PRO B 137 0.77 -25.03 14.40
C PRO B 137 1.22 -24.24 15.61
N LYS B 138 2.53 -24.19 15.83
CA LYS B 138 3.10 -23.42 16.95
C LYS B 138 3.17 -21.92 16.69
N ASP B 139 2.94 -21.44 15.46
CA ASP B 139 2.91 -20.01 15.20
C ASP B 139 1.48 -19.45 15.13
N LEU B 140 0.47 -20.26 15.46
CA LEU B 140 -0.90 -19.79 15.52
C LEU B 140 -1.47 -20.03 16.91
N ILE B 141 -2.20 -19.05 17.42
CA ILE B 141 -2.96 -19.20 18.66
C ILE B 141 -4.41 -19.51 18.28
N LEU B 142 -4.83 -20.74 18.55
CA LEU B 142 -6.17 -21.20 18.21
C LEU B 142 -7.09 -21.05 19.43
N GLN B 143 -8.27 -20.47 19.21
CA GLN B 143 -9.21 -20.19 20.28
C GLN B 143 -10.58 -20.76 19.92
N GLY B 144 -11.35 -21.11 20.95
CA GLY B 144 -12.68 -21.65 20.69
C GLY B 144 -12.62 -22.96 19.92
N ASP B 145 -13.41 -23.05 18.85
CA ASP B 145 -13.58 -24.27 18.08
C ASP B 145 -12.63 -24.43 16.90
N ALA B 146 -11.69 -23.49 16.69
CA ALA B 146 -10.82 -23.58 15.52
C ALA B 146 -9.81 -24.72 15.63
N PHE B 147 -9.58 -25.40 14.51
CA PHE B 147 -8.56 -26.46 14.41
C PHE B 147 -8.09 -26.55 12.96
N THR B 148 -6.99 -27.28 12.75
CA THR B 148 -6.49 -27.64 11.43
C THR B 148 -6.72 -29.13 11.18
N ASP B 149 -7.19 -29.48 9.98
CA ASP B 149 -7.62 -30.85 9.71
C ASP B 149 -6.53 -31.63 8.94
N SER B 150 -6.92 -32.77 8.35
CA SER B 150 -5.96 -33.66 7.72
C SER B 150 -5.60 -33.25 6.30
N ASP B 151 -6.42 -32.42 5.64
CA ASP B 151 -6.13 -31.94 4.30
C ASP B 151 -5.33 -30.65 4.29
N GLY B 152 -4.91 -30.17 5.45
CA GLY B 152 -4.12 -28.95 5.53
C GLY B 152 -4.92 -27.67 5.55
N ASN B 153 -6.20 -27.73 5.89
CA ASN B 153 -7.07 -26.55 5.89
C ASN B 153 -7.37 -26.15 7.32
N LEU B 154 -7.55 -24.85 7.54
CA LEU B 154 -7.91 -24.32 8.85
C LEU B 154 -9.43 -24.20 8.97
N GLN B 155 -10.02 -24.96 9.88
CA GLN B 155 -11.46 -24.93 10.12
C GLN B 155 -11.74 -23.97 11.29
N LEU B 156 -12.33 -22.81 11.00
CA LEU B 156 -12.59 -21.85 12.06
C LEU B 156 -13.78 -22.25 12.97
N THR B 157 -14.76 -23.00 12.46
CA THR B 157 -15.89 -23.45 13.27
C THR B 157 -16.05 -24.97 13.16
N LYS B 158 -16.92 -25.52 14.00
CA LYS B 158 -17.11 -26.98 14.06
C LYS B 158 -17.53 -27.56 12.71
N VAL B 159 -17.02 -28.76 12.41
CA VAL B 159 -17.44 -29.47 11.21
C VAL B 159 -18.01 -30.84 11.56
N GLN B 166 -23.70 -29.06 14.30
CA GLN B 166 -22.44 -28.33 14.46
C GLN B 166 -22.65 -26.81 14.41
N GLY B 167 -23.84 -26.37 14.85
CA GLY B 167 -24.17 -24.94 14.89
C GLY B 167 -23.81 -24.32 16.23
N ASN B 168 -24.08 -23.01 16.32
CA ASN B 168 -23.76 -22.21 17.52
C ASN B 168 -22.29 -22.34 17.89
N SER B 169 -21.41 -22.15 16.89
CA SER B 169 -19.98 -22.35 17.08
C SER B 169 -19.21 -21.05 16.87
N VAL B 170 -18.07 -20.93 17.55
CA VAL B 170 -17.18 -19.76 17.46
C VAL B 170 -15.74 -20.25 17.45
N GLY B 171 -14.88 -19.58 16.69
CA GLY B 171 -13.48 -19.95 16.61
C GLY B 171 -12.67 -18.83 16.03
N ARG B 172 -11.39 -18.76 16.42
CA ARG B 172 -10.47 -17.73 15.94
C ARG B 172 -9.06 -18.31 15.86
N ALA B 173 -8.25 -17.72 14.98
CA ALA B 173 -6.82 -18.03 14.92
C ALA B 173 -6.04 -16.73 14.85
N LEU B 174 -5.07 -16.58 15.74
CA LEU B 174 -4.21 -15.40 15.78
C LEU B 174 -2.79 -15.77 15.39
N PHE B 175 -2.12 -14.92 14.62
CA PHE B 175 -0.70 -15.13 14.38
C PHE B 175 0.08 -14.90 15.69
N TYR B 176 1.10 -15.71 15.91
CA TYR B 176 1.76 -15.73 17.21
C TYR B 176 2.47 -14.40 17.51
N ALA B 177 3.18 -13.83 16.52
CA ALA B 177 3.99 -12.66 16.85
C ALA B 177 3.14 -11.39 16.83
N PRO B 178 3.37 -10.46 17.76
CA PRO B 178 2.72 -9.16 17.67
C PRO B 178 3.31 -8.32 16.54
N VAL B 179 2.54 -7.32 16.13
CA VAL B 179 2.86 -6.47 14.98
C VAL B 179 3.01 -5.04 15.46
N HIS B 180 4.07 -4.37 15.01
CA HIS B 180 4.33 -2.96 15.35
C HIS B 180 3.72 -2.09 14.25
N ILE B 181 2.64 -1.37 14.56
CA ILE B 181 1.95 -0.52 13.60
C ILE B 181 2.18 0.97 13.81
N TRP B 182 2.88 1.38 14.86
CA TRP B 182 3.21 2.80 15.03
C TRP B 182 4.24 2.96 16.16
N GLU B 183 4.91 4.11 16.16
CA GLU B 183 5.69 4.58 17.31
C GLU B 183 5.93 6.07 17.12
N LYS B 184 6.28 6.75 18.22
CA LYS B 184 6.32 8.21 18.23
C LYS B 184 7.18 8.80 17.11
N SER B 185 8.22 8.10 16.68
CA SER B 185 9.11 8.64 15.66
C SER B 185 8.59 8.46 14.23
N ALA B 186 7.51 7.70 14.03
CA ALA B 186 7.23 7.09 12.73
C ALA B 186 7.01 8.15 11.64
N VAL B 187 7.42 7.80 10.43
CA VAL B 187 7.10 8.59 9.24
C VAL B 187 5.91 8.00 8.50
N VAL B 188 5.82 6.67 8.44
CA VAL B 188 4.74 6.01 7.71
C VAL B 188 4.70 4.53 8.07
N ALA B 189 3.49 3.98 8.21
CA ALA B 189 3.25 2.58 8.46
C ALA B 189 2.13 2.10 7.55
N SER B 190 2.15 0.81 7.23
CA SER B 190 1.14 0.24 6.32
C SER B 190 0.98 -1.24 6.62
N PHE B 191 -0.14 -1.80 6.16
CA PHE B 191 -0.30 -3.24 6.19
C PHE B 191 -1.21 -3.69 5.05
N ASP B 192 -1.01 -4.94 4.63
CA ASP B 192 -1.78 -5.64 3.61
C ASP B 192 -2.12 -7.03 4.13
N ALA B 193 -3.34 -7.49 3.88
CA ALA B 193 -3.77 -8.82 4.31
C ALA B 193 -4.67 -9.45 3.26
N THR B 194 -4.54 -10.79 3.08
CA THR B 194 -5.37 -11.53 2.15
C THR B 194 -5.69 -12.91 2.73
N PHE B 195 -6.92 -13.38 2.52
CA PHE B 195 -7.27 -14.77 2.83
C PHE B 195 -8.29 -15.28 1.81
N THR B 196 -8.24 -16.59 1.57
CA THR B 196 -9.23 -17.28 0.75
C THR B 196 -10.03 -18.25 1.60
N PHE B 197 -11.33 -18.30 1.35
CA PHE B 197 -12.27 -18.99 2.23
C PHE B 197 -13.25 -19.82 1.40
N LEU B 198 -13.79 -20.86 2.03
CA LEU B 198 -14.80 -21.72 1.40
C LEU B 198 -15.94 -21.93 2.41
N ILE B 199 -17.14 -21.48 2.05
CA ILE B 199 -18.35 -21.73 2.82
C ILE B 199 -19.20 -22.72 2.03
N LYS B 200 -19.44 -23.90 2.61
CA LYS B 200 -20.41 -24.82 2.02
C LYS B 200 -21.52 -25.08 3.02
N SER B 201 -22.74 -25.13 2.51
CA SER B 201 -23.94 -25.33 3.29
C SER B 201 -24.93 -26.09 2.43
N PRO B 202 -25.68 -27.03 2.99
CA PRO B 202 -26.81 -27.60 2.24
C PRO B 202 -27.82 -26.54 1.84
N ASP B 203 -28.01 -25.53 2.68
CA ASP B 203 -28.86 -24.40 2.32
C ASP B 203 -28.16 -23.51 1.30
N ARG B 204 -28.94 -22.68 0.61
CA ARG B 204 -28.39 -21.88 -0.48
C ARG B 204 -27.78 -20.58 0.03
N GLU B 205 -28.49 -19.85 0.89
CA GLU B 205 -28.01 -18.59 1.44
C GLU B 205 -28.12 -18.67 2.96
N PRO B 206 -27.19 -19.35 3.62
CA PRO B 206 -27.28 -19.54 5.08
C PRO B 206 -26.88 -18.26 5.81
N ALA B 207 -26.88 -18.35 7.13
CA ALA B 207 -26.52 -17.23 8.01
C ALA B 207 -25.18 -17.55 8.66
N ASP B 208 -24.20 -16.67 8.45
CA ASP B 208 -22.81 -16.99 8.78
C ASP B 208 -22.04 -15.68 8.93
N GLY B 209 -20.87 -15.78 9.55
CA GLY B 209 -19.97 -14.63 9.69
C GLY B 209 -18.49 -15.00 9.67
N ILE B 210 -17.68 -14.18 9.00
CA ILE B 210 -16.23 -14.34 8.90
C ILE B 210 -15.60 -12.95 8.94
N THR B 211 -14.47 -12.82 9.65
CA THR B 211 -13.75 -11.56 9.74
C THR B 211 -12.24 -11.77 9.66
N PHE B 212 -11.53 -10.73 9.20
CA PHE B 212 -10.13 -10.48 9.57
C PHE B 212 -10.12 -9.31 10.54
N PHE B 213 -9.33 -9.41 11.61
CA PHE B 213 -9.39 -8.41 12.65
C PHE B 213 -8.03 -8.14 13.28
N ILE B 214 -7.96 -6.99 13.96
CA ILE B 214 -6.76 -6.48 14.62
C ILE B 214 -7.14 -6.05 16.03
N ALA B 215 -6.35 -6.45 17.04
CA ALA B 215 -6.73 -6.29 18.44
C ALA B 215 -5.49 -6.10 19.31
N ASN B 216 -5.75 -5.82 20.59
CA ASN B 216 -4.70 -5.89 21.59
C ASN B 216 -4.15 -7.31 21.66
N THR B 217 -2.86 -7.40 21.99
CA THR B 217 -2.13 -8.67 21.93
C THR B 217 -2.74 -9.74 22.84
N ASP B 218 -3.34 -9.35 23.97
CA ASP B 218 -3.89 -10.32 24.90
C ASP B 218 -5.37 -10.63 24.66
N THR B 219 -5.84 -10.48 23.43
CA THR B 219 -7.26 -10.65 23.14
C THR B 219 -7.72 -12.10 23.31
N SER B 220 -9.00 -12.26 23.62
CA SER B 220 -9.64 -13.58 23.66
C SER B 220 -11.11 -13.41 23.27
N ILE B 221 -11.78 -14.52 23.03
CA ILE B 221 -13.18 -14.54 22.61
C ILE B 221 -14.03 -13.96 23.75
N PRO B 222 -14.70 -12.81 23.55
CA PRO B 222 -15.55 -12.27 24.62
C PRO B 222 -16.74 -13.16 24.92
N SER B 223 -17.25 -13.03 26.14
CA SER B 223 -18.37 -13.83 26.61
C SER B 223 -19.68 -13.32 26.01
N GLY B 224 -20.47 -14.25 25.45
CA GLY B 224 -21.69 -13.87 24.76
C GLY B 224 -21.49 -13.29 23.37
N SER B 225 -20.37 -13.62 22.72
CA SER B 225 -20.01 -12.99 21.44
C SER B 225 -20.32 -13.87 20.24
N GLY B 226 -21.06 -14.96 20.41
CA GLY B 226 -21.35 -15.83 19.30
C GLY B 226 -22.37 -15.23 18.33
N GLY B 227 -22.52 -15.90 17.19
CA GLY B 227 -23.50 -15.49 16.21
C GLY B 227 -23.12 -14.18 15.51
N ARG B 228 -24.05 -13.23 15.51
CA ARG B 228 -23.91 -11.94 14.86
C ARG B 228 -22.87 -11.03 15.50
N LEU B 229 -22.33 -11.39 16.66
CA LEU B 229 -21.25 -10.61 17.25
C LEU B 229 -19.87 -11.10 16.78
N LEU B 230 -19.82 -12.14 15.94
CA LEU B 230 -18.66 -12.57 15.17
C LEU B 230 -17.49 -13.06 16.02
N GLY B 231 -17.70 -13.29 17.32
CA GLY B 231 -16.61 -13.66 18.19
C GLY B 231 -15.69 -12.52 18.56
N LEU B 232 -16.09 -11.27 18.27
CA LEU B 232 -15.25 -10.10 18.45
C LEU B 232 -15.74 -9.12 19.51
N PHE B 233 -17.05 -9.00 19.72
CA PHE B 233 -17.54 -7.96 20.62
C PHE B 233 -18.39 -8.54 21.73
N PRO B 234 -18.34 -7.97 22.94
CA PRO B 234 -19.20 -8.48 24.02
C PRO B 234 -20.66 -8.08 23.88
N ASP B 235 -20.96 -6.93 23.29
CA ASP B 235 -22.33 -6.45 23.17
C ASP B 235 -22.54 -5.87 21.77
N ALA B 236 -23.77 -5.43 21.50
CA ALA B 236 -24.15 -4.93 20.19
C ALA B 236 -24.27 -3.42 20.15
N ASN B 237 -23.46 -2.73 20.94
CA ASN B 237 -23.42 -1.26 20.93
C ASN B 237 -22.57 -0.76 19.78
MN MN C . 6.12 22.64 -8.60
MN MN D . -22.96 -6.68 9.68
#